data_9L7L
#
_entry.id   9L7L
#
_cell.length_a   96.450
_cell.length_b   96.450
_cell.length_c   206.280
_cell.angle_alpha   90.000
_cell.angle_beta   90.000
_cell.angle_gamma   90.000
#
_symmetry.space_group_name_H-M   'P 43 21 2'
#
_entity_poly.entity_id   1
_entity_poly.type   'polypeptide(L)'
_entity_poly.pdbx_seq_one_letter_code
;MASGLYLFVMNIRSVFKLDELGSEVLRIAVPASLALAADPLASLVDTAFIGHLGSVEIAAVGVSIAIFNQVSKVCIYPLV
SVTTSFVAEEDAIISKYLEEKKRYIPSVTSALIVGSFLGLVQAVFLIFSAKFVLGIMGVKHDSPMLEPAVRYLTIRSLGA
PAVLLSLAMQGVFRGFKDTKTPLYATVVGDATNIILDPILMFVCHMGVTGAAVAHVISQYLITMILICRLVQQVDVIPPS
LKSLKFGRFLGAGFLLLARVVAVTFCVTLASSLAARDGPTIMAAFQICLQLWLATSLLADGLAVAGQAVLASAFAKNDHK
KVIAATSRVLQLSIVLGMGLTVVLGLFMKFGAGVFTSDADVINVIHKGIPFVAGTQTINALAFVFDGINFGAQDYVYSAY
SMVGVASISIPCLVYLSAHKGFIGIWVALTIYMSLRTVASTWRMGAARGPWVFLRKAGGENLYFQ
;
_entity_poly.pdbx_strand_id   A
#
# COMPACT_ATOMS: atom_id res chain seq x y z
N SER A 3 -10.62 28.92 -9.31
CA SER A 3 -10.59 27.51 -8.91
C SER A 3 -9.36 26.78 -9.46
N GLY A 4 -8.82 25.87 -8.65
CA GLY A 4 -7.64 25.09 -8.97
C GLY A 4 -7.84 23.91 -9.89
N LEU A 5 -9.07 23.71 -10.38
CA LEU A 5 -9.35 22.60 -11.29
C LEU A 5 -8.58 22.71 -12.60
N TYR A 6 -8.19 23.93 -13.00
CA TYR A 6 -7.40 24.10 -14.21
C TYR A 6 -6.10 23.30 -14.19
N LEU A 7 -5.63 22.89 -13.01
CA LEU A 7 -4.42 22.08 -12.92
C LEU A 7 -4.55 20.73 -13.62
N PHE A 8 -5.79 20.27 -13.85
CA PHE A 8 -5.99 18.99 -14.51
C PHE A 8 -5.63 19.04 -16.00
N VAL A 9 -5.64 20.22 -16.60
CA VAL A 9 -5.45 20.37 -18.03
C VAL A 9 -4.29 21.29 -18.37
N MET A 10 -3.58 21.82 -17.38
CA MET A 10 -2.45 22.69 -17.64
C MET A 10 -1.26 21.88 -18.16
N ASN A 11 -0.62 22.39 -19.21
CA ASN A 11 0.51 21.72 -19.87
C ASN A 11 0.14 20.33 -20.34
N ILE A 12 -1.10 20.13 -20.78
CA ILE A 12 -1.54 18.82 -21.20
C ILE A 12 -0.90 18.40 -22.51
N ARG A 13 -0.27 19.33 -23.22
CA ARG A 13 0.63 19.00 -24.33
C ARG A 13 1.97 18.46 -23.84
N SER A 14 2.17 18.33 -22.52
CA SER A 14 3.42 17.85 -21.95
C SER A 14 3.18 16.73 -20.96
N VAL A 15 2.10 15.94 -21.15
CA VAL A 15 1.85 14.79 -20.30
C VAL A 15 3.04 13.83 -20.34
N PHE A 16 3.44 13.44 -21.54
CA PHE A 16 4.43 12.39 -21.77
C PHE A 16 5.84 12.93 -22.01
N LYS A 17 6.03 14.25 -21.92
CA LYS A 17 7.35 14.83 -22.12
C LYS A 17 8.33 14.32 -21.07
N LEU A 18 9.46 13.79 -21.53
CA LEU A 18 10.50 13.29 -20.63
C LEU A 18 11.51 14.39 -20.30
N ASP A 19 10.97 15.49 -19.79
CA ASP A 19 11.76 16.62 -19.29
C ASP A 19 12.22 16.28 -17.88
N GLU A 20 12.79 17.26 -17.17
CA GLU A 20 13.20 17.02 -15.79
C GLU A 20 12.04 16.49 -14.95
N LEU A 21 10.88 17.13 -15.05
CA LEU A 21 9.72 16.65 -14.31
C LEU A 21 9.27 15.27 -14.79
N GLY A 22 9.16 15.10 -16.11
CA GLY A 22 8.73 13.81 -16.64
C GLY A 22 9.73 12.71 -16.38
N SER A 23 11.02 12.98 -16.58
CA SER A 23 12.03 11.99 -16.25
C SER A 23 12.04 11.66 -14.76
N GLU A 24 11.91 12.69 -13.91
CA GLU A 24 11.94 12.47 -12.47
C GLU A 24 10.74 11.66 -12.00
N VAL A 25 9.54 12.00 -12.49
CA VAL A 25 8.34 11.29 -12.06
C VAL A 25 8.40 9.84 -12.51
N LEU A 26 8.76 9.61 -13.77
CA LEU A 26 9.01 8.25 -14.25
C LEU A 26 10.11 7.57 -13.44
N ARG A 27 11.19 8.30 -13.16
CA ARG A 27 12.33 7.75 -12.44
C ARG A 27 11.98 7.34 -11.01
N ILE A 28 11.03 8.04 -10.38
CA ILE A 28 10.64 7.71 -9.02
C ILE A 28 9.51 6.67 -8.99
N ALA A 29 8.64 6.66 -9.99
CA ALA A 29 7.40 5.89 -9.93
C ALA A 29 7.58 4.46 -10.39
N VAL A 30 8.37 4.23 -11.43
CA VAL A 30 8.49 2.89 -12.01
C VAL A 30 9.15 1.91 -11.05
N PRO A 31 10.24 2.27 -10.33
CA PRO A 31 10.83 1.28 -9.42
C PRO A 31 9.93 0.92 -8.25
N ALA A 32 9.15 1.89 -7.74
CA ALA A 32 8.23 1.60 -6.65
C ALA A 32 7.14 0.64 -7.10
N SER A 33 6.59 0.85 -8.29
CA SER A 33 5.60 -0.08 -8.81
C SER A 33 6.19 -1.47 -8.97
N LEU A 34 7.44 -1.53 -9.42
CA LEU A 34 8.08 -2.83 -9.59
C LEU A 34 8.22 -3.56 -8.27
N ALA A 35 8.63 -2.83 -7.21
CA ALA A 35 8.78 -3.45 -5.89
C ALA A 35 7.43 -3.84 -5.31
N LEU A 36 6.38 -3.08 -5.65
CA LEU A 36 5.03 -3.47 -5.22
C LEU A 36 4.54 -4.67 -6.02
N ALA A 37 5.06 -4.87 -7.24
CA ALA A 37 4.68 -6.01 -8.07
C ALA A 37 5.58 -7.22 -7.86
N ALA A 38 6.73 -7.06 -7.20
CA ALA A 38 7.67 -8.15 -7.00
C ALA A 38 7.26 -9.06 -5.86
N ASP A 39 6.71 -8.48 -4.79
CA ASP A 39 6.24 -9.28 -3.67
C ASP A 39 5.13 -10.25 -4.08
N PRO A 40 4.10 -9.85 -4.85
CA PRO A 40 3.08 -10.84 -5.24
C PRO A 40 3.62 -12.01 -6.03
N LEU A 41 4.59 -11.78 -6.90
CA LEU A 41 5.08 -12.91 -7.69
C LEU A 41 5.96 -13.82 -6.87
N ALA A 42 6.86 -13.23 -6.06
CA ALA A 42 7.68 -14.04 -5.18
C ALA A 42 6.83 -14.78 -4.16
N SER A 43 5.76 -14.15 -3.69
CA SER A 43 4.87 -14.82 -2.75
C SER A 43 4.06 -15.92 -3.44
N LEU A 44 3.74 -15.73 -4.72
CA LEU A 44 3.11 -16.81 -5.49
C LEU A 44 4.06 -17.97 -5.75
N VAL A 45 5.36 -17.69 -5.88
CA VAL A 45 6.32 -18.79 -5.93
C VAL A 45 6.36 -19.52 -4.59
N ASP A 46 6.36 -18.75 -3.50
CA ASP A 46 6.22 -19.34 -2.17
C ASP A 46 4.94 -20.15 -2.07
N THR A 47 3.83 -19.62 -2.59
CA THR A 47 2.57 -20.34 -2.58
C THR A 47 2.69 -21.68 -3.28
N ALA A 48 3.38 -21.71 -4.42
CA ALA A 48 3.57 -22.97 -5.15
C ALA A 48 4.31 -23.99 -4.31
N PHE A 49 5.42 -23.58 -3.70
CA PHE A 49 6.20 -24.50 -2.88
C PHE A 49 5.35 -25.10 -1.76
N ILE A 50 4.57 -24.25 -1.08
CA ILE A 50 3.68 -24.73 -0.04
C ILE A 50 2.53 -25.55 -0.63
N GLY A 51 2.14 -25.25 -1.87
CA GLY A 51 1.14 -26.06 -2.54
C GLY A 51 1.57 -27.50 -2.78
N HIS A 52 2.87 -27.76 -2.71
CA HIS A 52 3.41 -29.11 -2.86
C HIS A 52 3.78 -29.72 -1.52
N LEU A 53 3.20 -29.22 -0.42
CA LEU A 53 3.39 -29.73 0.93
C LEU A 53 2.22 -30.59 1.39
N GLY A 54 1.00 -30.11 1.20
CA GLY A 54 -0.16 -30.84 1.64
C GLY A 54 -1.38 -29.94 1.63
N SER A 55 -2.52 -30.57 1.97
CA SER A 55 -3.80 -29.86 1.92
C SER A 55 -4.02 -29.00 3.15
N VAL A 56 -3.58 -29.48 4.32
CA VAL A 56 -3.74 -28.70 5.55
C VAL A 56 -2.76 -27.54 5.58
N GLU A 57 -1.58 -27.70 4.96
CA GLU A 57 -0.50 -26.73 5.14
C GLU A 57 -0.81 -25.40 4.48
N ILE A 58 -1.41 -25.41 3.29
CA ILE A 58 -1.79 -24.15 2.66
C ILE A 58 -2.81 -23.42 3.53
N ALA A 59 -3.87 -24.11 3.93
CA ALA A 59 -4.86 -23.47 4.79
C ALA A 59 -4.28 -23.11 6.15
N ALA A 60 -3.32 -23.90 6.63
CA ALA A 60 -2.62 -23.55 7.87
C ALA A 60 -1.76 -22.31 7.66
N VAL A 61 -0.84 -22.37 6.68
CA VAL A 61 0.01 -21.22 6.39
C VAL A 61 -0.82 -20.05 5.87
N GLY A 62 -1.82 -20.34 5.05
CA GLY A 62 -2.62 -19.26 4.48
C GLY A 62 -3.30 -18.40 5.52
N VAL A 63 -3.89 -19.02 6.55
CA VAL A 63 -4.49 -18.24 7.62
C VAL A 63 -3.42 -17.49 8.40
N SER A 64 -2.29 -18.13 8.64
CA SER A 64 -1.15 -17.47 9.29
C SER A 64 -0.70 -16.25 8.47
N ILE A 65 -0.63 -16.40 7.15
CA ILE A 65 -0.26 -15.28 6.29
C ILE A 65 -1.34 -14.20 6.32
N ALA A 66 -2.61 -14.60 6.27
CA ALA A 66 -3.70 -13.63 6.37
C ALA A 66 -3.59 -12.80 7.62
N ILE A 67 -3.10 -13.40 8.71
CA ILE A 67 -2.91 -12.68 9.96
C ILE A 67 -1.88 -11.57 9.77
N PHE A 68 -0.72 -11.92 9.21
CA PHE A 68 0.37 -10.95 9.08
C PHE A 68 -0.02 -9.80 8.17
N ASN A 69 -0.63 -10.11 7.02
CA ASN A 69 -0.81 -9.10 5.97
C ASN A 69 -1.72 -7.97 6.42
N GLN A 70 -2.73 -8.27 7.23
CA GLN A 70 -3.60 -7.20 7.71
C GLN A 70 -2.98 -6.47 8.88
N VAL A 71 -2.32 -7.21 9.80
CA VAL A 71 -1.62 -6.56 10.90
C VAL A 71 -0.58 -5.59 10.37
N SER A 72 0.09 -5.96 9.26
CA SER A 72 1.03 -5.04 8.65
C SER A 72 0.32 -3.84 8.02
N LYS A 73 -0.70 -4.09 7.18
CA LYS A 73 -1.38 -2.98 6.48
C LYS A 73 -1.85 -1.90 7.45
N VAL A 74 -2.26 -2.28 8.66
CA VAL A 74 -2.51 -1.28 9.69
C VAL A 74 -1.26 -0.47 9.97
N CYS A 75 -0.14 -1.16 10.20
CA CYS A 75 1.13 -0.54 10.55
C CYS A 75 2.01 -0.22 9.36
N ILE A 76 1.48 -0.30 8.12
CA ILE A 76 2.29 -0.04 6.95
C ILE A 76 1.96 1.32 6.36
N TYR A 77 0.70 1.52 5.97
CA TYR A 77 0.29 2.74 5.30
C TYR A 77 0.67 4.00 6.06
N PRO A 78 0.37 4.13 7.36
CA PRO A 78 0.81 5.36 8.05
C PRO A 78 2.32 5.50 8.11
N LEU A 79 3.01 4.45 8.56
CA LEU A 79 4.45 4.53 8.79
C LEU A 79 5.23 4.84 7.52
N VAL A 80 4.66 4.56 6.36
CA VAL A 80 5.35 4.81 5.09
C VAL A 80 4.90 6.13 4.45
N SER A 81 3.61 6.46 4.55
CA SER A 81 3.15 7.69 3.92
C SER A 81 3.54 8.92 4.72
N VAL A 82 3.69 8.78 6.04
CA VAL A 82 4.17 9.88 6.85
C VAL A 82 5.65 10.12 6.61
N THR A 83 6.43 9.02 6.59
CA THR A 83 7.88 9.14 6.47
C THR A 83 8.30 9.62 5.08
N THR A 84 7.57 9.19 4.04
CA THR A 84 7.89 9.65 2.69
C THR A 84 7.77 11.16 2.59
N SER A 85 6.84 11.77 3.33
CA SER A 85 6.70 13.22 3.32
C SER A 85 7.57 13.91 4.37
N PHE A 86 7.71 13.30 5.56
CA PHE A 86 8.49 13.97 6.60
C PHE A 86 9.98 13.87 6.34
N VAL A 87 10.43 12.84 5.63
CA VAL A 87 11.83 12.79 5.23
C VAL A 87 12.06 13.66 4.01
N ALA A 88 11.15 13.61 3.02
CA ALA A 88 11.32 14.43 1.83
C ALA A 88 11.27 15.91 2.16
N GLU A 89 10.51 16.31 3.17
CA GLU A 89 10.55 17.67 3.66
C GLU A 89 11.92 18.00 4.26
N GLU A 90 12.31 17.25 5.30
CA GLU A 90 13.52 17.57 6.03
C GLU A 90 14.78 17.31 5.20
N ASP A 91 14.72 16.40 4.22
CA ASP A 91 15.84 16.24 3.30
C ASP A 91 15.90 17.37 2.27
N ALA A 92 14.80 18.09 2.06
CA ALA A 92 14.79 19.16 1.07
C ALA A 92 15.12 20.52 1.67
N ILE A 93 14.95 20.71 2.97
CA ILE A 93 15.59 21.80 3.69
C ILE A 93 16.31 21.18 4.88
N ILE A 94 17.59 20.87 4.69
CA ILE A 94 18.46 20.55 5.81
C ILE A 94 19.76 21.35 5.67
N SER A 95 19.76 22.35 4.78
CA SER A 95 20.97 23.14 4.50
C SER A 95 22.14 22.26 4.08
N LYS A 96 21.87 21.26 3.24
CA LYS A 96 22.93 20.33 2.87
C LYS A 96 23.91 20.99 1.92
N TYR A 97 25.19 20.84 2.23
CA TYR A 97 26.29 21.49 1.53
C TYR A 97 27.52 20.65 1.79
N LEU A 98 28.69 21.20 1.47
CA LEU A 98 29.96 20.50 1.46
C LEU A 98 30.46 20.14 2.86
N GLU A 99 29.69 20.41 3.91
CA GLU A 99 29.87 19.75 5.20
C GLU A 99 30.00 18.25 5.01
N GLU A 100 31.03 17.66 5.65
CA GLU A 100 31.40 16.28 5.41
C GLU A 100 30.73 15.27 6.33
N LYS A 101 30.20 15.68 7.48
CA LYS A 101 29.84 14.75 8.54
C LYS A 101 28.46 14.11 8.31
N LYS A 102 28.34 13.40 7.18
CA LYS A 102 27.06 12.92 6.67
C LYS A 102 25.95 13.92 6.95
N ARG A 103 24.81 13.44 7.47
CA ARG A 103 23.74 14.35 7.83
C ARG A 103 22.73 13.60 8.67
N TYR A 104 22.24 14.23 9.74
CA TYR A 104 21.19 13.65 10.57
C TYR A 104 19.85 14.27 10.19
N ILE A 105 18.88 13.43 9.85
CA ILE A 105 17.50 13.85 9.62
C ILE A 105 16.65 13.27 10.75
N PRO A 106 15.96 14.09 11.54
CA PRO A 106 15.16 13.53 12.65
C PRO A 106 14.04 12.59 12.21
N SER A 107 13.49 12.79 11.01
CA SER A 107 12.46 11.89 10.50
C SER A 107 13.02 10.49 10.23
N VAL A 108 14.27 10.42 9.76
CA VAL A 108 14.89 9.11 9.51
C VAL A 108 15.02 8.34 10.82
N THR A 109 15.57 8.99 11.85
CA THR A 109 15.70 8.35 13.15
C THR A 109 14.33 8.05 13.76
N SER A 110 13.40 8.99 13.66
CA SER A 110 12.07 8.79 14.26
C SER A 110 11.36 7.59 13.64
N ALA A 111 11.43 7.44 12.32
CA ALA A 111 10.74 6.35 11.64
C ALA A 111 11.33 4.99 12.01
N LEU A 112 12.66 4.91 12.08
CA LEU A 112 13.32 3.66 12.45
C LEU A 112 12.89 3.23 13.85
N ILE A 113 12.78 4.18 14.78
CA ILE A 113 12.35 3.84 16.13
C ILE A 113 10.92 3.34 16.12
N VAL A 114 10.03 4.07 15.45
CA VAL A 114 8.62 3.69 15.41
C VAL A 114 8.46 2.33 14.74
N GLY A 115 9.20 2.09 13.65
CA GLY A 115 9.13 0.80 13.00
C GLY A 115 9.70 -0.33 13.83
N SER A 116 10.84 -0.08 14.50
CA SER A 116 11.43 -1.11 15.33
C SER A 116 10.50 -1.48 16.48
N PHE A 117 9.94 -0.46 17.14
CA PHE A 117 9.03 -0.70 18.25
C PHE A 117 7.79 -1.47 17.82
N LEU A 118 7.13 -1.01 16.76
CA LEU A 118 5.95 -1.72 16.28
C LEU A 118 6.30 -3.11 15.79
N GLY A 119 7.50 -3.29 15.23
CA GLY A 119 7.88 -4.58 14.69
C GLY A 119 8.14 -5.62 15.76
N LEU A 120 8.84 -5.24 16.83
CA LEU A 120 8.99 -6.13 17.97
C LEU A 120 7.69 -6.33 18.73
N VAL A 121 6.85 -5.30 18.80
CA VAL A 121 5.55 -5.41 19.47
C VAL A 121 4.65 -6.41 18.75
N GLN A 122 4.51 -6.23 17.43
CA GLN A 122 3.79 -7.22 16.64
C GLN A 122 4.41 -8.60 16.79
N ALA A 123 5.74 -8.68 16.80
CA ALA A 123 6.44 -9.96 16.94
C ALA A 123 6.04 -10.68 18.21
N VAL A 124 6.19 -10.02 19.35
CA VAL A 124 5.85 -10.64 20.63
C VAL A 124 4.38 -11.00 20.67
N PHE A 125 3.52 -10.09 20.22
CA PHE A 125 2.07 -10.27 20.35
C PHE A 125 1.60 -11.46 19.52
N LEU A 126 2.04 -11.54 18.27
CA LEU A 126 1.61 -12.62 17.39
C LEU A 126 2.27 -13.94 17.75
N ILE A 127 3.33 -13.89 18.56
CA ILE A 127 3.93 -15.11 19.07
C ILE A 127 3.12 -15.67 20.23
N PHE A 128 2.61 -14.79 21.08
CA PHE A 128 1.91 -15.26 22.28
C PHE A 128 0.41 -15.48 22.05
N SER A 129 -0.23 -14.64 21.24
CA SER A 129 -1.65 -14.79 20.95
C SER A 129 -1.90 -15.57 19.67
N ALA A 130 -0.98 -16.46 19.28
CA ALA A 130 -1.12 -17.20 18.04
C ALA A 130 -2.33 -18.12 18.09
N LYS A 131 -2.42 -18.95 19.13
CA LYS A 131 -3.61 -19.78 19.34
C LYS A 131 -4.87 -18.93 19.40
N PHE A 132 -4.78 -17.75 20.04
CA PHE A 132 -5.95 -16.90 20.19
C PHE A 132 -6.42 -16.33 18.86
N VAL A 133 -5.53 -15.70 18.10
CA VAL A 133 -5.89 -15.14 16.81
C VAL A 133 -6.40 -16.21 15.86
N LEU A 134 -5.78 -17.40 15.91
CA LEU A 134 -6.19 -18.48 15.01
C LEU A 134 -7.59 -19.00 15.34
N GLY A 135 -7.93 -19.08 16.62
CA GLY A 135 -9.31 -19.36 16.98
C GLY A 135 -10.26 -18.30 16.48
N ILE A 136 -9.81 -17.05 16.47
CA ILE A 136 -10.58 -15.94 15.92
C ILE A 136 -10.72 -16.06 14.41
N MET A 137 -9.70 -16.62 13.76
CA MET A 137 -9.56 -16.61 12.31
C MET A 137 -10.31 -17.76 11.64
N GLY A 138 -11.27 -18.36 12.34
CA GLY A 138 -11.99 -19.49 11.79
C GLY A 138 -11.22 -20.78 11.76
N VAL A 139 -10.01 -20.80 12.32
CA VAL A 139 -9.29 -22.05 12.52
C VAL A 139 -9.72 -22.62 13.86
N LYS A 140 -10.41 -23.76 13.81
CA LYS A 140 -10.84 -24.43 15.03
C LYS A 140 -9.63 -24.92 15.82
N HIS A 141 -9.79 -24.96 17.15
CA HIS A 141 -8.72 -25.46 18.01
C HIS A 141 -8.57 -26.97 17.88
N ASP A 142 -9.67 -27.70 17.64
CA ASP A 142 -9.59 -29.14 17.38
C ASP A 142 -9.11 -29.45 15.96
N SER A 143 -9.09 -28.46 15.07
CA SER A 143 -8.81 -28.68 13.66
C SER A 143 -7.33 -29.03 13.45
N PRO A 144 -7.02 -29.76 12.37
CA PRO A 144 -5.61 -30.06 12.07
C PRO A 144 -4.82 -28.83 11.65
N MET A 145 -5.49 -27.82 11.11
CA MET A 145 -4.80 -26.63 10.63
C MET A 145 -4.08 -25.89 11.75
N LEU A 146 -4.56 -26.02 13.00
CA LEU A 146 -4.10 -25.14 14.07
C LEU A 146 -2.63 -25.36 14.40
N GLU A 147 -2.15 -26.60 14.34
CA GLU A 147 -0.77 -26.86 14.74
C GLU A 147 0.24 -26.26 13.75
N PRO A 148 0.21 -26.58 12.45
CA PRO A 148 1.15 -25.91 11.55
C PRO A 148 0.92 -24.41 11.46
N ALA A 149 -0.33 -23.96 11.61
CA ALA A 149 -0.61 -22.53 11.63
C ALA A 149 0.10 -21.86 12.80
N VAL A 150 0.00 -22.45 13.99
CA VAL A 150 0.67 -21.88 15.15
C VAL A 150 2.17 -21.88 14.94
N ARG A 151 2.70 -23.01 14.45
CA ARG A 151 4.13 -23.12 14.19
C ARG A 151 4.59 -22.06 13.19
N TYR A 152 3.97 -22.05 12.01
CA TYR A 152 4.37 -21.09 10.98
C TYR A 152 4.18 -19.65 11.45
N LEU A 153 3.07 -19.37 12.14
CA LEU A 153 2.83 -18.02 12.64
C LEU A 153 3.90 -17.61 13.65
N THR A 154 4.13 -18.45 14.65
CA THR A 154 5.08 -18.11 15.71
C THR A 154 6.48 -17.91 15.16
N ILE A 155 6.88 -18.71 14.18
CA ILE A 155 8.23 -18.63 13.62
C ILE A 155 8.35 -17.40 12.73
N ARG A 156 7.42 -17.22 11.79
CA ARG A 156 7.46 -16.06 10.92
C ARG A 156 7.36 -14.75 11.70
N SER A 157 6.79 -14.78 12.91
CA SER A 157 6.74 -13.56 13.72
C SER A 157 8.12 -13.12 14.20
N LEU A 158 9.16 -13.93 13.99
CA LEU A 158 10.50 -13.44 14.20
C LEU A 158 10.89 -12.41 13.16
N GLY A 159 10.35 -12.52 11.94
CA GLY A 159 10.62 -11.54 10.92
C GLY A 159 9.88 -10.23 11.09
N ALA A 160 8.92 -10.17 12.01
CA ALA A 160 8.12 -8.95 12.18
C ALA A 160 8.94 -7.71 12.53
N PRO A 161 9.96 -7.77 13.39
CA PRO A 161 10.83 -6.60 13.56
C PRO A 161 11.50 -6.14 12.27
N ALA A 162 12.18 -7.06 11.56
CA ALA A 162 12.82 -6.70 10.30
C ALA A 162 11.81 -6.17 9.30
N VAL A 163 10.61 -6.78 9.25
CA VAL A 163 9.61 -6.39 8.26
C VAL A 163 9.22 -4.93 8.47
N LEU A 164 8.80 -4.58 9.69
CA LEU A 164 8.36 -3.21 9.91
C LEU A 164 9.52 -2.22 9.85
N LEU A 165 10.73 -2.67 10.16
CA LEU A 165 11.88 -1.78 10.07
C LEU A 165 12.23 -1.46 8.62
N SER A 166 12.23 -2.47 7.75
CA SER A 166 12.48 -2.21 6.34
C SER A 166 11.36 -1.39 5.69
N LEU A 167 10.14 -1.45 6.24
CA LEU A 167 9.06 -0.61 5.72
C LEU A 167 9.26 0.84 6.10
N ALA A 168 9.69 1.11 7.34
CA ALA A 168 10.09 2.45 7.71
C ALA A 168 11.21 2.96 6.80
N MET A 169 12.18 2.08 6.47
CA MET A 169 13.29 2.47 5.62
C MET A 169 12.85 2.69 4.18
N GLN A 170 11.77 2.05 3.73
CA GLN A 170 11.22 2.38 2.42
C GLN A 170 10.57 3.76 2.42
N GLY A 171 9.88 4.12 3.51
CA GLY A 171 9.46 5.50 3.67
C GLY A 171 10.62 6.47 3.63
N VAL A 172 11.72 6.13 4.32
CA VAL A 172 12.91 6.99 4.31
C VAL A 172 13.44 7.16 2.89
N PHE A 173 13.79 6.04 2.24
CA PHE A 173 14.34 6.09 0.89
C PHE A 173 13.38 6.74 -0.10
N ARG A 174 12.08 6.69 0.17
CA ARG A 174 11.15 7.44 -0.67
C ARG A 174 11.25 8.94 -0.38
N GLY A 175 11.53 9.31 0.87
CA GLY A 175 11.83 10.71 1.17
C GLY A 175 12.99 11.24 0.37
N PHE A 176 14.00 10.40 0.13
CA PHE A 176 15.15 10.80 -0.68
C PHE A 176 14.89 10.66 -2.16
N LYS A 177 13.64 10.42 -2.56
CA LYS A 177 13.28 10.19 -3.96
C LYS A 177 14.09 9.05 -4.56
N ASP A 178 14.31 8.00 -3.76
CA ASP A 178 15.06 6.82 -4.18
C ASP A 178 14.19 5.59 -3.96
N THR A 179 13.45 5.19 -5.00
CA THR A 179 12.70 3.94 -5.00
C THR A 179 13.52 2.76 -5.53
N LYS A 180 14.67 3.03 -6.16
CA LYS A 180 15.52 1.96 -6.66
C LYS A 180 16.13 1.15 -5.52
N THR A 181 16.50 1.81 -4.41
CA THR A 181 17.12 1.08 -3.31
C THR A 181 16.14 0.11 -2.65
N PRO A 182 14.91 0.50 -2.31
CA PRO A 182 13.95 -0.52 -1.84
C PRO A 182 13.67 -1.57 -2.90
N LEU A 183 13.63 -1.18 -4.18
CA LEU A 183 13.35 -2.15 -5.22
C LEU A 183 14.46 -3.20 -5.32
N TYR A 184 15.71 -2.75 -5.21
CA TYR A 184 16.82 -3.69 -5.24
C TYR A 184 16.80 -4.62 -4.04
N ALA A 185 16.57 -4.07 -2.85
CA ALA A 185 16.50 -4.88 -1.64
C ALA A 185 15.37 -5.89 -1.72
N THR A 186 14.21 -5.45 -2.22
CA THR A 186 13.05 -6.33 -2.32
C THR A 186 13.33 -7.47 -3.28
N VAL A 187 13.91 -7.17 -4.43
CA VAL A 187 14.25 -8.21 -5.40
C VAL A 187 15.23 -9.20 -4.78
N VAL A 188 16.27 -8.68 -4.10
CA VAL A 188 17.30 -9.54 -3.52
C VAL A 188 16.67 -10.51 -2.52
N GLY A 189 15.89 -9.99 -1.58
CA GLY A 189 15.30 -10.86 -0.58
C GLY A 189 14.34 -11.87 -1.19
N ASP A 190 13.57 -11.44 -2.20
CA ASP A 190 12.53 -12.30 -2.76
C ASP A 190 13.16 -13.45 -3.54
N ALA A 191 14.25 -13.17 -4.27
CA ALA A 191 15.00 -14.25 -4.92
C ALA A 191 15.61 -15.18 -3.91
N THR A 192 16.15 -14.63 -2.81
CA THR A 192 16.73 -15.49 -1.79
C THR A 192 15.67 -16.38 -1.16
N ASN A 193 14.47 -15.85 -0.98
CA ASN A 193 13.40 -16.64 -0.36
C ASN A 193 12.88 -17.69 -1.34
N ILE A 194 12.78 -17.34 -2.62
CA ILE A 194 12.40 -18.33 -3.63
C ILE A 194 13.47 -19.40 -3.71
N ILE A 195 14.72 -19.05 -3.40
CA ILE A 195 15.80 -20.04 -3.39
C ILE A 195 15.76 -20.86 -2.11
N LEU A 196 15.51 -20.21 -0.97
CA LEU A 196 15.56 -20.91 0.30
C LEU A 196 14.35 -21.78 0.56
N ASP A 197 13.22 -21.53 -0.11
CA ASP A 197 12.02 -22.32 0.12
C ASP A 197 12.21 -23.80 -0.15
N PRO A 198 12.71 -24.23 -1.33
CA PRO A 198 12.88 -25.69 -1.52
C PRO A 198 14.01 -26.25 -0.69
N ILE A 199 15.03 -25.45 -0.39
CA ILE A 199 16.18 -25.92 0.40
C ILE A 199 15.74 -26.30 1.80
N LEU A 200 14.91 -25.46 2.43
CA LEU A 200 14.50 -25.65 3.82
C LEU A 200 13.25 -26.52 3.93
N MET A 201 12.19 -26.19 3.18
CA MET A 201 10.94 -26.95 3.27
C MET A 201 11.16 -28.41 2.93
N PHE A 202 11.90 -28.68 1.86
CA PHE A 202 11.98 -30.00 1.27
C PHE A 202 13.30 -30.70 1.53
N VAL A 203 14.44 -30.04 1.26
CA VAL A 203 15.73 -30.68 1.49
C VAL A 203 16.02 -30.80 2.98
N CYS A 204 15.58 -29.83 3.77
CA CYS A 204 15.77 -29.89 5.22
C CYS A 204 14.60 -30.54 5.94
N HIS A 205 13.54 -30.91 5.23
CA HIS A 205 12.35 -31.54 5.83
C HIS A 205 11.84 -30.74 7.02
N MET A 206 11.47 -29.49 6.73
CA MET A 206 10.97 -28.58 7.74
C MET A 206 9.57 -28.07 7.46
N GLY A 207 9.05 -28.28 6.25
CA GLY A 207 7.65 -28.00 5.99
C GLY A 207 7.33 -26.53 6.20
N VAL A 208 6.39 -26.26 7.11
CA VAL A 208 5.97 -24.88 7.33
C VAL A 208 7.03 -24.11 8.12
N THR A 209 7.77 -24.79 9.01
CA THR A 209 8.94 -24.19 9.63
C THR A 209 9.97 -23.77 8.58
N GLY A 210 10.19 -24.62 7.57
CA GLY A 210 11.13 -24.27 6.51
C GLY A 210 10.71 -23.03 5.74
N ALA A 211 9.43 -22.94 5.38
CA ALA A 211 8.94 -21.78 4.65
C ALA A 211 9.07 -20.50 5.46
N ALA A 212 8.75 -20.58 6.77
CA ALA A 212 8.91 -19.43 7.66
C ALA A 212 10.36 -19.02 7.83
N VAL A 213 11.27 -19.99 7.99
CA VAL A 213 12.70 -19.67 8.13
C VAL A 213 13.22 -19.04 6.84
N ALA A 214 12.77 -19.54 5.69
CA ALA A 214 13.15 -18.94 4.41
C ALA A 214 12.71 -17.48 4.34
N HIS A 215 11.45 -17.20 4.68
CA HIS A 215 10.95 -15.83 4.64
C HIS A 215 11.65 -14.93 5.65
N VAL A 216 11.92 -15.44 6.86
CA VAL A 216 12.48 -14.57 7.90
C VAL A 216 13.93 -14.23 7.58
N ILE A 217 14.70 -15.21 7.14
CA ILE A 217 16.08 -14.95 6.74
C ILE A 217 16.13 -13.92 5.62
N SER A 218 15.23 -14.06 4.63
CA SER A 218 15.20 -13.12 3.52
C SER A 218 14.76 -11.73 3.98
N GLN A 219 13.79 -11.65 4.89
CA GLN A 219 13.36 -10.34 5.38
C GLN A 219 14.46 -9.63 6.13
N TYR A 220 15.24 -10.36 6.91
CA TYR A 220 16.35 -9.76 7.65
C TYR A 220 17.50 -9.38 6.71
N LEU A 221 17.65 -10.10 5.61
CA LEU A 221 18.58 -9.68 4.57
C LEU A 221 18.17 -8.33 3.99
N ILE A 222 16.88 -8.18 3.68
CA ILE A 222 16.38 -6.93 3.11
C ILE A 222 16.57 -5.77 4.08
N THR A 223 16.28 -6.00 5.36
CA THR A 223 16.54 -4.98 6.38
C THR A 223 18.03 -4.65 6.45
N MET A 224 18.89 -5.66 6.35
CA MET A 224 20.33 -5.41 6.38
C MET A 224 20.76 -4.56 5.19
N ILE A 225 20.31 -4.93 4.00
CA ILE A 225 20.68 -4.19 2.79
C ILE A 225 20.23 -2.74 2.91
N LEU A 226 18.97 -2.53 3.30
CA LEU A 226 18.45 -1.18 3.41
C LEU A 226 19.21 -0.36 4.44
N ILE A 227 19.53 -0.95 5.59
CA ILE A 227 20.15 -0.16 6.67
C ILE A 227 21.61 0.12 6.38
N CYS A 228 22.30 -0.75 5.63
CA CYS A 228 23.65 -0.44 5.22
C CYS A 228 23.68 0.73 4.24
N ARG A 229 22.84 0.68 3.20
CA ARG A 229 22.73 1.81 2.29
C ARG A 229 22.25 3.08 2.99
N LEU A 230 21.40 2.95 4.01
CA LEU A 230 20.83 4.12 4.68
C LEU A 230 21.84 4.80 5.60
N VAL A 231 22.66 4.04 6.32
CA VAL A 231 23.68 4.66 7.16
C VAL A 231 24.81 5.23 6.33
N GLN A 232 25.06 4.67 5.14
CA GLN A 232 26.11 5.21 4.29
C GLN A 232 25.72 6.54 3.67
N GLN A 233 24.41 6.79 3.51
CA GLN A 233 23.97 8.04 2.91
C GLN A 233 23.77 9.14 3.95
N VAL A 234 23.06 8.86 5.03
CA VAL A 234 22.80 9.84 6.07
C VAL A 234 23.13 9.22 7.43
N ASP A 235 22.93 10.01 8.47
CA ASP A 235 23.16 9.59 9.85
C ASP A 235 21.83 9.26 10.49
N VAL A 236 21.78 8.12 11.19
CA VAL A 236 20.55 7.67 11.83
C VAL A 236 20.55 7.92 13.34
N ILE A 237 21.70 8.17 13.94
CA ILE A 237 21.78 8.42 15.38
C ILE A 237 21.50 9.89 15.64
N PRO A 238 20.65 10.24 16.61
CA PRO A 238 20.47 11.65 16.94
C PRO A 238 21.61 12.15 17.79
N PRO A 239 22.06 13.40 17.59
CA PRO A 239 23.18 13.92 18.38
C PRO A 239 22.81 14.16 19.83
N SER A 240 21.55 14.50 20.10
CA SER A 240 21.03 14.60 21.44
C SER A 240 19.67 13.91 21.49
N LEU A 241 19.27 13.54 22.69
CA LEU A 241 18.02 12.82 22.85
C LEU A 241 16.81 13.75 22.75
N LYS A 242 17.04 15.05 22.67
CA LYS A 242 16.00 16.07 22.54
C LYS A 242 15.76 16.46 21.09
N SER A 243 16.57 15.97 20.16
CA SER A 243 16.54 16.37 18.75
C SER A 243 15.64 15.48 17.91
N LEU A 244 14.64 14.85 18.51
CA LEU A 244 13.81 13.86 17.85
C LEU A 244 12.39 14.41 17.76
N LYS A 245 11.93 14.66 16.54
CA LYS A 245 10.58 15.18 16.30
C LYS A 245 9.65 13.97 16.30
N PHE A 246 8.89 13.81 17.38
CA PHE A 246 8.06 12.63 17.57
C PHE A 246 6.57 12.92 17.63
N GLY A 247 6.17 14.00 18.29
CA GLY A 247 4.74 14.29 18.41
C GLY A 247 4.09 14.55 17.07
N ARG A 248 4.74 15.37 16.24
CA ARG A 248 4.26 15.61 14.88
C ARG A 248 4.26 14.31 14.08
N PHE A 249 5.31 13.50 14.21
CA PHE A 249 5.43 12.27 13.43
C PHE A 249 4.28 11.30 13.74
N LEU A 250 4.10 10.96 15.01
CA LEU A 250 3.06 10.01 15.39
C LEU A 250 1.66 10.54 15.11
N GLY A 251 1.49 11.86 15.12
CA GLY A 251 0.16 12.42 14.91
C GLY A 251 -0.32 12.25 13.47
N ALA A 252 0.54 12.57 12.52
CA ALA A 252 0.23 12.29 11.12
C ALA A 252 -0.01 10.79 10.92
N GLY A 253 0.78 9.96 11.59
CA GLY A 253 0.60 8.53 11.49
C GLY A 253 -0.76 8.08 11.98
N PHE A 254 -1.20 8.62 13.12
CA PHE A 254 -2.51 8.23 13.65
C PHE A 254 -3.65 8.80 12.80
N LEU A 255 -3.47 10.00 12.24
CA LEU A 255 -4.45 10.51 11.29
C LEU A 255 -4.56 9.61 10.08
N LEU A 256 -3.41 9.25 9.49
CA LEU A 256 -3.40 8.31 8.36
C LEU A 256 -3.84 6.90 8.77
N LEU A 257 -3.59 6.51 10.03
CA LEU A 257 -4.07 5.21 10.49
C LEU A 257 -5.58 5.18 10.63
N ALA A 258 -6.15 6.25 11.20
CA ALA A 258 -7.60 6.36 11.28
C ALA A 258 -8.21 6.44 9.88
N ARG A 259 -7.57 7.16 8.97
CA ARG A 259 -8.07 7.24 7.59
C ARG A 259 -8.11 5.87 6.94
N VAL A 260 -7.05 5.07 7.12
CA VAL A 260 -6.99 3.74 6.52
C VAL A 260 -8.04 2.82 7.12
N VAL A 261 -8.26 2.93 8.43
CA VAL A 261 -9.26 2.09 9.08
C VAL A 261 -10.62 2.28 8.42
N ALA A 262 -11.01 3.54 8.20
CA ALA A 262 -12.26 3.85 7.53
C ALA A 262 -12.29 3.28 6.11
N VAL A 263 -11.22 3.51 5.34
CA VAL A 263 -11.18 3.04 3.96
C VAL A 263 -11.30 1.52 3.91
N THR A 264 -10.50 0.82 4.73
CA THR A 264 -10.55 -0.63 4.74
C THR A 264 -11.90 -1.15 5.23
N PHE A 265 -12.53 -0.43 6.17
CA PHE A 265 -13.81 -0.90 6.69
C PHE A 265 -14.92 -0.82 5.64
N CYS A 266 -14.88 0.19 4.76
CA CYS A 266 -15.84 0.26 3.66
C CYS A 266 -15.75 -0.97 2.78
N VAL A 267 -14.53 -1.39 2.44
CA VAL A 267 -14.37 -2.61 1.64
C VAL A 267 -14.72 -3.84 2.47
N THR A 268 -14.43 -3.82 3.77
CA THR A 268 -14.78 -4.94 4.63
C THR A 268 -16.28 -5.18 4.65
N LEU A 269 -17.07 -4.12 4.74
CA LEU A 269 -18.53 -4.27 4.75
C LEU A 269 -19.02 -4.82 3.42
N ALA A 270 -18.48 -4.34 2.31
CA ALA A 270 -18.90 -4.82 0.99
C ALA A 270 -18.72 -6.32 0.87
N SER A 271 -17.58 -6.84 1.33
CA SER A 271 -17.33 -8.28 1.29
C SER A 271 -18.24 -9.03 2.26
N SER A 272 -18.43 -8.49 3.46
CA SER A 272 -19.30 -9.13 4.43
C SER A 272 -20.77 -9.08 4.00
N LEU A 273 -21.11 -8.18 3.08
CA LEU A 273 -22.45 -8.10 2.52
C LEU A 273 -22.62 -8.99 1.30
N ALA A 274 -21.57 -9.15 0.49
CA ALA A 274 -21.65 -10.09 -0.63
C ALA A 274 -21.71 -11.53 -0.13
N ALA A 275 -21.08 -11.80 1.01
CA ALA A 275 -21.09 -13.14 1.58
C ALA A 275 -22.49 -13.60 1.95
N ARG A 276 -23.44 -12.67 2.12
CA ARG A 276 -24.81 -12.97 2.48
C ARG A 276 -25.68 -13.22 1.26
N ASP A 277 -25.08 -13.56 0.12
CA ASP A 277 -25.80 -13.67 -1.14
C ASP A 277 -25.45 -14.96 -1.86
N GLY A 278 -25.02 -15.97 -1.12
CA GLY A 278 -24.71 -17.25 -1.71
C GLY A 278 -23.28 -17.34 -2.16
N PRO A 279 -22.73 -18.55 -2.21
CA PRO A 279 -21.31 -18.69 -2.57
C PRO A 279 -21.00 -18.22 -3.97
N THR A 280 -21.98 -18.23 -4.87
CA THR A 280 -21.76 -17.74 -6.23
C THR A 280 -21.46 -16.25 -6.23
N ILE A 281 -22.33 -15.46 -5.60
CA ILE A 281 -22.06 -14.04 -5.41
C ILE A 281 -20.78 -13.85 -4.60
N MET A 282 -20.58 -14.68 -3.57
CA MET A 282 -19.36 -14.64 -2.77
C MET A 282 -18.12 -14.71 -3.64
N ALA A 283 -17.99 -15.79 -4.42
CA ALA A 283 -16.77 -16.00 -5.20
C ALA A 283 -16.62 -14.95 -6.29
N ALA A 284 -17.71 -14.60 -6.96
CA ALA A 284 -17.64 -13.67 -8.07
C ALA A 284 -17.25 -12.27 -7.60
N PHE A 285 -17.83 -11.81 -6.49
CA PHE A 285 -17.46 -10.50 -5.96
C PHE A 285 -16.03 -10.49 -5.48
N GLN A 286 -15.55 -11.59 -4.89
CA GLN A 286 -14.17 -11.62 -4.44
C GLN A 286 -13.22 -11.47 -5.62
N ILE A 287 -13.50 -12.16 -6.72
CA ILE A 287 -12.68 -12.02 -7.92
C ILE A 287 -12.73 -10.59 -8.44
N CYS A 288 -13.94 -10.04 -8.54
CA CYS A 288 -14.08 -8.68 -9.05
C CYS A 288 -13.32 -7.69 -8.17
N LEU A 289 -13.41 -7.89 -6.85
CA LEU A 289 -12.78 -6.94 -5.94
C LEU A 289 -11.26 -6.99 -6.03
N GLN A 290 -10.69 -8.20 -6.14
CA GLN A 290 -9.24 -8.30 -6.33
C GLN A 290 -8.81 -7.68 -7.65
N LEU A 291 -9.58 -7.92 -8.72
CA LEU A 291 -9.29 -7.29 -10.01
C LEU A 291 -9.34 -5.77 -9.88
N TRP A 292 -10.42 -5.26 -9.30
CA TRP A 292 -10.59 -3.84 -9.04
C TRP A 292 -9.40 -3.22 -8.32
N LEU A 293 -9.10 -3.73 -7.12
CA LEU A 293 -8.07 -3.12 -6.29
C LEU A 293 -6.66 -3.36 -6.83
N ALA A 294 -6.39 -4.56 -7.36
CA ALA A 294 -5.04 -4.88 -7.83
C ALA A 294 -4.61 -3.97 -8.97
N THR A 295 -5.56 -3.61 -9.85
CA THR A 295 -5.23 -2.73 -10.96
C THR A 295 -4.98 -1.30 -10.49
N SER A 296 -5.61 -0.92 -9.37
CA SER A 296 -5.34 0.37 -8.75
C SER A 296 -3.92 0.42 -8.20
N LEU A 297 -3.35 -0.73 -7.86
CA LEU A 297 -2.03 -0.78 -7.25
C LEU A 297 -0.90 -0.44 -8.23
N LEU A 298 -1.21 -0.28 -9.53
CA LEU A 298 -0.18 0.17 -10.47
C LEU A 298 0.14 1.64 -10.28
N ALA A 299 -0.90 2.47 -10.13
CA ALA A 299 -0.76 3.91 -9.97
C ALA A 299 -0.04 4.25 -8.66
N ASP A 300 0.27 3.23 -7.86
CA ASP A 300 0.80 3.49 -6.53
C ASP A 300 2.24 4.00 -6.58
N GLY A 301 3.02 3.56 -7.56
CA GLY A 301 4.33 4.16 -7.78
C GLY A 301 4.19 5.59 -8.27
N LEU A 302 3.23 5.83 -9.17
CA LEU A 302 2.95 7.17 -9.64
C LEU A 302 2.58 8.10 -8.49
N ALA A 303 1.77 7.62 -7.55
CA ALA A 303 1.41 8.43 -6.40
C ALA A 303 2.61 8.71 -5.50
N VAL A 304 3.53 7.73 -5.38
CA VAL A 304 4.74 7.96 -4.58
C VAL A 304 5.61 9.03 -5.20
N ALA A 305 5.79 8.98 -6.53
CA ALA A 305 6.56 10.01 -7.22
C ALA A 305 5.95 11.39 -7.01
N GLY A 306 4.65 11.52 -7.25
CA GLY A 306 3.97 12.78 -6.99
C GLY A 306 4.12 13.26 -5.55
N GLN A 307 3.99 12.35 -4.59
CA GLN A 307 4.11 12.74 -3.19
C GLN A 307 5.51 13.22 -2.86
N ALA A 308 6.52 12.42 -3.21
CA ALA A 308 7.90 12.81 -2.92
C ALA A 308 8.26 14.13 -3.59
N VAL A 309 7.89 14.29 -4.86
CA VAL A 309 8.18 15.53 -5.57
C VAL A 309 7.48 16.71 -4.92
N LEU A 310 6.18 16.55 -4.61
CA LEU A 310 5.43 17.65 -4.00
C LEU A 310 5.87 17.92 -2.57
N ALA A 311 6.29 16.90 -1.82
CA ALA A 311 6.80 17.14 -0.48
C ALA A 311 8.11 17.92 -0.52
N SER A 312 9.01 17.55 -1.43
CA SER A 312 10.25 18.30 -1.61
C SER A 312 9.98 19.73 -2.07
N ALA A 313 9.00 19.90 -2.97
CA ALA A 313 8.76 21.23 -3.55
C ALA A 313 8.06 22.15 -2.56
N PHE A 314 7.03 21.65 -1.87
CA PHE A 314 6.40 22.43 -0.81
C PHE A 314 7.39 22.82 0.28
N ALA A 315 8.44 22.02 0.47
CA ALA A 315 9.47 22.34 1.45
C ALA A 315 10.34 23.51 1.04
N LYS A 316 10.33 23.89 -0.25
CA LYS A 316 11.22 24.89 -0.79
C LYS A 316 10.49 26.13 -1.32
N ASN A 317 9.22 26.30 -0.93
CA ASN A 317 8.37 27.40 -1.42
C ASN A 317 8.24 27.43 -2.94
N ASP A 318 8.58 26.31 -3.60
CA ASP A 318 8.59 26.26 -5.06
C ASP A 318 7.17 25.94 -5.54
N HIS A 319 6.36 26.99 -5.63
CA HIS A 319 4.99 26.82 -6.09
C HIS A 319 4.93 26.42 -7.56
N LYS A 320 5.91 26.86 -8.37
CA LYS A 320 5.87 26.58 -9.80
C LYS A 320 6.06 25.09 -10.10
N LYS A 321 7.03 24.43 -9.45
CA LYS A 321 7.17 22.99 -9.65
C LYS A 321 6.04 22.22 -9.00
N VAL A 322 5.55 22.68 -7.83
CA VAL A 322 4.38 22.06 -7.21
C VAL A 322 3.25 21.95 -8.23
N ILE A 323 2.96 23.06 -8.90
CA ILE A 323 1.87 23.12 -9.87
C ILE A 323 2.15 22.22 -11.06
N ALA A 324 3.37 22.30 -11.62
CA ALA A 324 3.73 21.47 -12.76
C ALA A 324 3.67 19.99 -12.42
N ALA A 325 4.25 19.60 -11.28
CA ALA A 325 4.28 18.18 -10.91
C ALA A 325 2.90 17.66 -10.57
N THR A 326 2.09 18.46 -9.87
CA THR A 326 0.71 18.07 -9.61
C THR A 326 -0.03 17.81 -10.91
N SER A 327 0.05 18.75 -11.84
CA SER A 327 -0.60 18.57 -13.14
C SER A 327 -0.06 17.35 -13.87
N ARG A 328 1.26 17.14 -13.81
CA ARG A 328 1.87 16.05 -14.54
C ARG A 328 1.37 14.69 -14.05
N VAL A 329 1.45 14.45 -12.74
CA VAL A 329 1.02 13.16 -12.21
C VAL A 329 -0.49 12.99 -12.36
N LEU A 330 -1.24 14.09 -12.31
CA LEU A 330 -2.70 14.00 -12.49
C LEU A 330 -3.06 13.56 -13.91
N GLN A 331 -2.40 14.14 -14.92
CA GLN A 331 -2.67 13.73 -16.28
C GLN A 331 -2.18 12.30 -16.52
N LEU A 332 -1.02 11.95 -15.97
CA LEU A 332 -0.54 10.57 -16.06
C LEU A 332 -1.52 9.60 -15.43
N SER A 333 -2.12 9.98 -14.30
CA SER A 333 -3.03 9.07 -13.60
C SER A 333 -4.30 8.82 -14.41
N ILE A 334 -4.85 9.87 -15.03
CA ILE A 334 -6.06 9.69 -15.82
C ILE A 334 -5.78 8.84 -17.05
N VAL A 335 -4.61 9.05 -17.67
CA VAL A 335 -4.19 8.20 -18.79
C VAL A 335 -4.13 6.74 -18.37
N LEU A 336 -3.42 6.47 -17.27
CA LEU A 336 -3.31 5.10 -16.79
C LEU A 336 -4.67 4.53 -16.42
N GLY A 337 -5.55 5.35 -15.86
CA GLY A 337 -6.86 4.86 -15.48
C GLY A 337 -7.69 4.42 -16.67
N MET A 338 -7.63 5.20 -17.75
CA MET A 338 -8.34 4.83 -18.96
C MET A 338 -7.72 3.60 -19.61
N GLY A 339 -6.39 3.52 -19.63
CA GLY A 339 -5.73 2.34 -20.16
C GLY A 339 -6.08 1.10 -19.38
N LEU A 340 -6.06 1.20 -18.05
CA LEU A 340 -6.43 0.06 -17.21
C LEU A 340 -7.91 -0.27 -17.34
N THR A 341 -8.75 0.75 -17.53
CA THR A 341 -10.15 0.52 -17.84
C THR A 341 -10.29 -0.42 -19.03
N VAL A 342 -9.65 -0.05 -20.15
CA VAL A 342 -9.71 -0.87 -21.36
C VAL A 342 -9.19 -2.27 -21.10
N VAL A 343 -7.96 -2.37 -20.57
CA VAL A 343 -7.32 -3.67 -20.42
C VAL A 343 -8.11 -4.55 -19.46
N LEU A 344 -8.54 -3.99 -18.33
CA LEU A 344 -9.17 -4.82 -17.31
C LEU A 344 -10.54 -5.30 -17.76
N GLY A 345 -11.32 -4.44 -18.41
CA GLY A 345 -12.59 -4.89 -18.96
C GLY A 345 -12.42 -6.04 -19.92
N LEU A 346 -11.46 -5.90 -20.85
CA LEU A 346 -11.21 -6.95 -21.83
C LEU A 346 -10.73 -8.24 -21.16
N PHE A 347 -9.82 -8.11 -20.20
CA PHE A 347 -9.34 -9.30 -19.49
C PHE A 347 -10.46 -9.99 -18.73
N MET A 348 -11.33 -9.21 -18.10
CA MET A 348 -12.44 -9.80 -17.36
C MET A 348 -13.38 -10.58 -18.27
N LYS A 349 -13.67 -10.03 -19.46
CA LYS A 349 -14.63 -10.71 -20.33
C LYS A 349 -14.08 -11.99 -20.94
N PHE A 350 -12.77 -12.06 -21.19
CA PHE A 350 -12.20 -13.19 -21.91
C PHE A 350 -11.18 -13.99 -21.11
N GLY A 351 -11.05 -13.73 -19.81
CA GLY A 351 -10.15 -14.51 -19.00
C GLY A 351 -10.69 -14.82 -17.62
N ALA A 352 -12.01 -14.70 -17.45
CA ALA A 352 -12.63 -15.13 -16.20
C ALA A 352 -12.33 -16.59 -15.93
N GLY A 353 -12.37 -17.42 -16.98
CA GLY A 353 -12.04 -18.83 -16.88
C GLY A 353 -10.62 -19.11 -16.43
N VAL A 354 -9.76 -18.10 -16.41
CA VAL A 354 -8.42 -18.28 -15.85
C VAL A 354 -8.49 -18.52 -14.35
N PHE A 355 -9.41 -17.82 -13.68
CA PHE A 355 -9.53 -17.94 -12.23
C PHE A 355 -10.40 -19.10 -11.80
N THR A 356 -11.65 -19.13 -12.26
CA THR A 356 -12.62 -20.12 -11.85
C THR A 356 -13.07 -20.96 -13.03
N SER A 357 -13.44 -22.20 -12.74
CA SER A 357 -14.05 -23.09 -13.72
C SER A 357 -15.58 -23.09 -13.62
N ASP A 358 -16.15 -22.18 -12.84
CA ASP A 358 -17.61 -22.10 -12.66
C ASP A 358 -18.21 -21.17 -13.70
N ALA A 359 -19.26 -21.63 -14.38
CA ALA A 359 -19.97 -20.79 -15.32
C ALA A 359 -20.82 -19.74 -14.61
N ASP A 360 -21.36 -20.07 -13.44
CA ASP A 360 -22.14 -19.11 -12.68
C ASP A 360 -21.26 -17.99 -12.15
N VAL A 361 -20.12 -18.35 -11.55
CA VAL A 361 -19.21 -17.34 -11.02
C VAL A 361 -18.69 -16.46 -12.15
N ILE A 362 -18.32 -17.07 -13.28
CA ILE A 362 -17.84 -16.31 -14.43
C ILE A 362 -18.92 -15.36 -14.94
N ASN A 363 -20.17 -15.83 -14.95
CA ASN A 363 -21.26 -14.97 -15.42
C ASN A 363 -21.48 -13.79 -14.50
N VAL A 364 -21.41 -14.01 -13.19
CA VAL A 364 -21.56 -12.88 -12.27
C VAL A 364 -20.35 -11.96 -12.38
N ILE A 365 -19.16 -12.53 -12.62
CA ILE A 365 -17.99 -11.72 -12.89
C ILE A 365 -18.19 -10.87 -14.13
N HIS A 366 -18.77 -11.46 -15.18
CA HIS A 366 -19.07 -10.70 -16.39
C HIS A 366 -20.16 -9.66 -16.15
N LYS A 367 -21.10 -9.93 -15.26
CA LYS A 367 -22.12 -8.93 -14.91
C LYS A 367 -21.47 -7.71 -14.27
N GLY A 368 -20.52 -7.92 -13.37
CA GLY A 368 -19.86 -6.85 -12.64
C GLY A 368 -18.71 -6.16 -13.35
N ILE A 369 -18.34 -6.64 -14.55
CA ILE A 369 -17.28 -5.98 -15.33
C ILE A 369 -17.43 -4.46 -15.40
N PRO A 370 -18.62 -3.90 -15.71
CA PRO A 370 -18.70 -2.43 -15.86
C PRO A 370 -18.19 -1.65 -14.65
N PHE A 371 -18.53 -2.08 -13.43
CA PHE A 371 -18.07 -1.37 -12.24
C PHE A 371 -16.57 -1.53 -12.05
N VAL A 372 -16.09 -2.78 -12.00
CA VAL A 372 -14.67 -3.06 -11.76
C VAL A 372 -13.79 -2.43 -12.84
N ALA A 373 -14.30 -2.33 -14.07
CA ALA A 373 -13.54 -1.74 -15.15
C ALA A 373 -13.80 -0.25 -15.32
N GLY A 374 -15.02 0.19 -15.03
CA GLY A 374 -15.39 1.58 -15.31
C GLY A 374 -14.70 2.57 -14.40
N THR A 375 -14.75 2.33 -13.10
CA THR A 375 -14.23 3.28 -12.12
C THR A 375 -12.71 3.23 -11.99
N GLN A 376 -12.03 2.54 -12.92
CA GLN A 376 -10.58 2.45 -12.88
C GLN A 376 -9.92 3.82 -12.97
N THR A 377 -10.50 4.72 -13.77
CA THR A 377 -9.99 6.10 -13.80
C THR A 377 -10.26 6.81 -12.48
N ILE A 378 -11.45 6.61 -11.90
CA ILE A 378 -11.71 7.11 -10.55
C ILE A 378 -10.69 6.56 -9.55
N ASN A 379 -10.36 5.26 -9.68
CA ASN A 379 -9.41 4.65 -8.75
C ASN A 379 -8.02 5.27 -8.88
N ALA A 380 -7.52 5.36 -10.11
CA ALA A 380 -6.19 5.94 -10.32
C ALA A 380 -6.14 7.37 -9.79
N LEU A 381 -7.17 8.15 -10.06
CA LEU A 381 -7.22 9.53 -9.55
C LEU A 381 -7.26 9.54 -8.02
N ALA A 382 -8.05 8.64 -7.42
CA ALA A 382 -8.19 8.65 -5.98
C ALA A 382 -6.87 8.34 -5.29
N PHE A 383 -6.13 7.35 -5.81
CA PHE A 383 -4.87 6.97 -5.18
C PHE A 383 -3.78 8.01 -5.43
N VAL A 384 -3.74 8.59 -6.64
CA VAL A 384 -2.70 9.58 -6.94
C VAL A 384 -2.95 10.88 -6.19
N PHE A 385 -4.21 11.26 -5.97
CA PHE A 385 -4.49 12.45 -5.16
C PHE A 385 -4.12 12.24 -3.70
N ASP A 386 -4.24 11.02 -3.21
CA ASP A 386 -3.73 10.72 -1.88
C ASP A 386 -2.24 11.01 -1.81
N GLY A 387 -1.47 10.52 -2.78
CA GLY A 387 -0.08 10.90 -2.87
C GLY A 387 0.12 12.40 -2.97
N ILE A 388 -0.72 13.07 -3.77
CA ILE A 388 -0.58 14.52 -3.94
C ILE A 388 -0.90 15.25 -2.64
N ASN A 389 -2.06 14.97 -2.04
CA ASN A 389 -2.41 15.60 -0.77
C ASN A 389 -1.50 15.17 0.37
N PHE A 390 -0.76 14.06 0.22
CA PHE A 390 0.27 13.71 1.19
C PHE A 390 1.60 14.42 0.91
N GLY A 391 1.87 14.75 -0.35
CA GLY A 391 2.95 15.67 -0.64
C GLY A 391 2.65 17.06 -0.14
N ALA A 392 1.36 17.43 -0.12
CA ALA A 392 0.90 18.64 0.53
C ALA A 392 0.85 18.49 2.04
N GLN A 393 0.95 17.26 2.55
CA GLN A 393 0.91 16.98 3.98
C GLN A 393 -0.37 17.54 4.61
N ASP A 394 -1.51 17.07 4.10
CA ASP A 394 -2.83 17.45 4.59
C ASP A 394 -3.44 16.21 5.24
N TYR A 395 -3.15 16.03 6.53
CA TYR A 395 -3.51 14.80 7.24
C TYR A 395 -4.83 14.90 7.99
N VAL A 396 -5.12 16.05 8.62
CA VAL A 396 -6.41 16.23 9.27
C VAL A 396 -7.54 16.19 8.25
N TYR A 397 -7.36 16.81 7.09
CA TYR A 397 -8.39 16.77 6.06
C TYR A 397 -8.61 15.33 5.59
N SER A 398 -7.52 14.62 5.31
CA SER A 398 -7.63 13.22 4.92
C SER A 398 -8.44 12.44 5.94
N ALA A 399 -8.11 12.61 7.22
CA ALA A 399 -8.80 11.88 8.28
C ALA A 399 -10.30 12.18 8.27
N TYR A 400 -10.67 13.45 8.38
CA TYR A 400 -12.10 13.77 8.50
C TYR A 400 -12.82 13.58 7.17
N SER A 401 -12.14 13.73 6.03
CA SER A 401 -12.82 13.52 4.76
C SER A 401 -13.19 12.05 4.55
N MET A 402 -12.31 11.13 4.94
CA MET A 402 -12.65 9.71 4.81
C MET A 402 -13.70 9.29 5.83
N VAL A 403 -13.71 9.91 7.01
CA VAL A 403 -14.79 9.65 7.96
C VAL A 403 -16.13 10.01 7.35
N GLY A 404 -16.19 11.15 6.65
CA GLY A 404 -17.42 11.54 5.99
C GLY A 404 -17.79 10.66 4.81
N VAL A 405 -16.79 10.28 4.00
CA VAL A 405 -17.07 9.41 2.85
C VAL A 405 -17.59 8.06 3.32
N ALA A 406 -17.05 7.55 4.43
CA ALA A 406 -17.54 6.30 5.00
C ALA A 406 -18.94 6.45 5.57
N SER A 407 -19.19 7.55 6.29
CA SER A 407 -20.53 7.79 6.84
C SER A 407 -21.59 7.86 5.75
N ILE A 408 -21.24 8.36 4.57
CA ILE A 408 -22.18 8.35 3.46
C ILE A 408 -22.22 6.99 2.78
N SER A 409 -21.05 6.34 2.65
CA SER A 409 -20.97 5.14 1.83
C SER A 409 -21.46 3.88 2.54
N ILE A 410 -21.31 3.81 3.87
CA ILE A 410 -21.68 2.62 4.62
C ILE A 410 -23.19 2.41 4.59
N PRO A 411 -24.01 3.44 4.79
CA PRO A 411 -25.45 3.24 4.53
C PRO A 411 -25.73 2.87 3.09
N CYS A 412 -25.03 3.46 2.13
CA CYS A 412 -25.17 3.06 0.73
C CYS A 412 -24.94 1.56 0.58
N LEU A 413 -23.84 1.07 1.15
CA LEU A 413 -23.54 -0.35 1.07
C LEU A 413 -24.67 -1.19 1.63
N VAL A 414 -25.05 -0.92 2.88
CA VAL A 414 -26.05 -1.75 3.56
C VAL A 414 -27.36 -1.74 2.79
N TYR A 415 -27.87 -0.54 2.47
CA TYR A 415 -29.13 -0.42 1.75
C TYR A 415 -29.05 -1.07 0.37
N LEU A 416 -28.12 -0.60 -0.46
CA LEU A 416 -28.04 -1.09 -1.84
C LEU A 416 -27.76 -2.59 -1.90
N SER A 417 -26.95 -3.10 -0.97
CA SER A 417 -26.60 -4.52 -0.99
C SER A 417 -27.82 -5.39 -0.70
N ALA A 418 -28.47 -5.15 0.44
CA ALA A 418 -29.66 -5.92 0.78
C ALA A 418 -30.74 -5.80 -0.29
N HIS A 419 -30.77 -4.68 -1.03
CA HIS A 419 -31.79 -4.48 -2.05
C HIS A 419 -31.42 -5.06 -3.41
N LYS A 420 -30.18 -4.89 -3.87
CA LYS A 420 -29.81 -5.40 -5.19
C LYS A 420 -28.45 -6.11 -5.14
N GLY A 421 -28.22 -6.90 -4.09
CA GLY A 421 -27.18 -7.91 -4.05
C GLY A 421 -25.83 -7.51 -4.62
N PHE A 422 -25.40 -8.27 -5.63
CA PHE A 422 -24.08 -8.10 -6.21
C PHE A 422 -23.94 -6.74 -6.89
N ILE A 423 -24.88 -6.40 -7.78
CA ILE A 423 -24.83 -5.14 -8.50
C ILE A 423 -24.98 -3.97 -7.54
N GLY A 424 -25.70 -4.18 -6.43
CA GLY A 424 -25.90 -3.09 -5.48
C GLY A 424 -24.66 -2.79 -4.67
N ILE A 425 -23.93 -3.83 -4.27
CA ILE A 425 -22.64 -3.64 -3.61
C ILE A 425 -21.67 -2.88 -4.51
N TRP A 426 -21.69 -3.19 -5.81
CA TRP A 426 -20.78 -2.50 -6.71
C TRP A 426 -21.20 -1.06 -6.98
N VAL A 427 -22.51 -0.78 -7.00
CA VAL A 427 -22.97 0.60 -7.08
C VAL A 427 -22.55 1.37 -5.84
N ALA A 428 -22.66 0.75 -4.67
CA ALA A 428 -22.24 1.40 -3.43
C ALA A 428 -20.75 1.68 -3.43
N LEU A 429 -19.95 0.73 -3.92
CA LEU A 429 -18.50 0.92 -3.97
C LEU A 429 -18.12 2.02 -4.94
N THR A 430 -18.86 2.14 -6.05
CA THR A 430 -18.66 3.27 -6.95
C THR A 430 -18.97 4.60 -6.28
N ILE A 431 -20.06 4.66 -5.51
CA ILE A 431 -20.40 5.87 -4.76
C ILE A 431 -19.27 6.25 -3.83
N TYR A 432 -18.71 5.25 -3.14
CA TYR A 432 -17.62 5.50 -2.19
C TYR A 432 -16.37 5.99 -2.90
N MET A 433 -16.01 5.36 -4.02
CA MET A 433 -14.82 5.78 -4.77
C MET A 433 -15.01 7.15 -5.38
N SER A 434 -16.21 7.45 -5.89
CA SER A 434 -16.50 8.79 -6.37
C SER A 434 -16.46 9.81 -5.23
N LEU A 435 -16.90 9.41 -4.03
CA LEU A 435 -16.75 10.27 -2.86
C LEU A 435 -15.28 10.48 -2.52
N ARG A 436 -14.49 9.40 -2.53
CA ARG A 436 -13.05 9.53 -2.28
C ARG A 436 -12.41 10.52 -3.24
N THR A 437 -12.59 10.30 -4.54
CA THR A 437 -11.96 11.15 -5.54
C THR A 437 -12.40 12.61 -5.39
N VAL A 438 -13.68 12.82 -5.12
CA VAL A 438 -14.20 14.18 -4.99
C VAL A 438 -13.66 14.84 -3.72
N ALA A 439 -13.50 14.06 -2.65
CA ALA A 439 -12.95 14.60 -1.41
C ALA A 439 -11.54 15.13 -1.63
N SER A 440 -10.68 14.31 -2.22
CA SER A 440 -9.29 14.71 -2.45
C SER A 440 -9.19 15.85 -3.46
N THR A 441 -9.99 15.78 -4.54
CA THR A 441 -9.95 16.82 -5.57
C THR A 441 -10.46 18.15 -5.07
N TRP A 442 -11.43 18.15 -4.15
CA TRP A 442 -11.91 19.40 -3.58
C TRP A 442 -10.80 20.08 -2.79
N ARG A 443 -10.00 19.29 -2.07
CA ARG A 443 -8.90 19.86 -1.30
C ARG A 443 -7.97 20.67 -2.20
N MET A 444 -7.59 20.09 -3.34
CA MET A 444 -6.70 20.80 -4.26
C MET A 444 -7.43 21.92 -4.98
N GLY A 445 -8.49 21.57 -5.72
CA GLY A 445 -9.08 22.52 -6.65
C GLY A 445 -9.69 23.74 -5.99
N ALA A 446 -10.29 23.57 -4.82
CA ALA A 446 -10.94 24.70 -4.17
C ALA A 446 -9.97 25.73 -3.61
N ALA A 447 -8.65 25.54 -3.79
CA ALA A 447 -7.64 26.49 -3.32
C ALA A 447 -7.75 26.72 -1.81
N ARG A 448 -8.05 25.65 -1.06
CA ARG A 448 -8.25 25.71 0.37
C ARG A 448 -7.23 24.82 1.06
N GLY A 449 -6.61 25.33 2.13
CA GLY A 449 -5.61 24.56 2.83
C GLY A 449 -4.24 24.73 2.20
N PRO A 450 -3.59 23.60 1.90
CA PRO A 450 -2.22 23.67 1.35
C PRO A 450 -2.16 24.21 -0.07
N TRP A 451 -3.29 24.62 -0.63
CA TRP A 451 -3.36 25.20 -1.97
C TRP A 451 -3.88 26.63 -1.94
N VAL A 452 -3.85 27.28 -0.77
CA VAL A 452 -4.29 28.67 -0.63
C VAL A 452 -3.45 29.59 -1.49
N PHE A 453 -2.14 29.29 -1.63
CA PHE A 453 -1.27 30.09 -2.47
C PHE A 453 -1.73 30.16 -3.93
N LEU A 454 -2.57 29.21 -4.35
CA LEU A 454 -3.06 29.21 -5.73
C LEU A 454 -3.83 30.46 -6.08
N ARG A 455 -4.42 31.15 -5.08
CA ARG A 455 -5.16 32.38 -5.32
C ARG A 455 -4.26 33.53 -5.74
N LYS A 456 -2.95 33.31 -5.82
CA LYS A 456 -2.00 34.34 -6.20
C LYS A 456 -1.25 34.05 -7.50
N ALA A 457 -1.32 32.82 -8.00
CA ALA A 457 -0.61 32.45 -9.22
C ALA A 457 -1.34 32.92 -10.47
#